data_2AOR
#
_entry.id   2AOR
#
_cell.length_a   50.397
_cell.length_b   89.045
_cell.length_c   75.092
_cell.angle_alpha   90.00
_cell.angle_beta   105.70
_cell.angle_gamma   90.00
#
_symmetry.space_group_name_H-M   'P 1 21 1'
#
loop_
_entity.id
_entity.type
_entity.pdbx_description
1 polymer "5'-D(*CP*AP*GP*GP*(6MA)P*TP*CP*CP*AP*AP*GP*CP*TP*TP*GP*GP*AP*TP*CP*CP*TP*G)-3'"
2 polymer 'DNA mismatch repair protein mutH'
3 non-polymer 'CALCIUM ION'
4 water water
#
loop_
_entity_poly.entity_id
_entity_poly.type
_entity_poly.pdbx_seq_one_letter_code
_entity_poly.pdbx_strand_id
1 'polydeoxyribonucleotide'
;(DC)(DA)(DG)(DG)(6MA)(DT)(DC)(DC)(DA)(DA)(DG)(DC)(DT)(DT)(DG)(DG)(DA)(DT)(DC)
(DC)(DT)(DG)
;
C,D
2 'polypeptide(L)'
;MIPQTLEQLLSQAQSIAGLTFGELADELHIPVPIDLKRDKGWVGMLLERALGATAGSKAEQDFSHLGVELKTLPINAEGY
PLETTFVSLAPLVQNSGVKWENSHVRHKLSCVLWMPIEGSRHIPLRERHIGAPIFWKPTAEQERQLKQDWEELMDLIVLG
KLDQITARIGEVMQLRPKGANSRAVTKGIGKNGEIIDTLPLGFYLRKEFTAQILNAFLETKSL
;
A,B
#
# COMPACT_ATOMS: atom_id res chain seq x y z
N MET C 1 -24.01 17.34 -1.73
CA MET C 1 -22.58 17.26 -1.33
C MET C 1 -21.67 17.14 -2.55
N ILE C 2 -21.65 15.97 -3.17
CA ILE C 2 -20.82 15.77 -4.35
C ILE C 2 -21.60 16.33 -5.54
N PRO C 3 -21.06 17.36 -6.20
CA PRO C 3 -21.79 17.92 -7.35
C PRO C 3 -21.96 16.90 -8.45
N GLN C 4 -23.17 16.84 -9.02
CA GLN C 4 -23.47 15.89 -10.09
C GLN C 4 -23.37 16.62 -11.42
N THR C 5 -23.26 17.94 -11.35
CA THR C 5 -23.20 18.77 -12.54
C THR C 5 -22.01 19.73 -12.52
N LEU C 6 -21.52 20.09 -13.70
CA LEU C 6 -20.41 21.02 -13.79
C LEU C 6 -20.90 22.39 -13.35
N GLU C 7 -22.18 22.66 -13.61
CA GLU C 7 -22.77 23.94 -13.22
C GLU C 7 -22.82 24.00 -11.69
N GLN C 8 -23.12 22.86 -11.06
CA GLN C 8 -23.19 22.79 -9.62
C GLN C 8 -21.81 23.05 -8.98
N LEU C 9 -20.78 22.41 -9.51
CA LEU C 9 -19.42 22.58 -8.98
C LEU C 9 -18.95 24.02 -9.08
N LEU C 10 -19.12 24.64 -10.25
CA LEU C 10 -18.68 26.00 -10.45
C LEU C 10 -19.45 27.01 -9.59
N SER C 11 -20.75 26.80 -9.41
CA SER C 11 -21.54 27.71 -8.59
C SER C 11 -21.12 27.54 -7.13
N GLN C 12 -20.87 26.30 -6.74
CA GLN C 12 -20.42 26.03 -5.37
C GLN C 12 -19.04 26.66 -5.19
N ALA C 13 -18.25 26.66 -6.25
CA ALA C 13 -16.92 27.24 -6.20
C ALA C 13 -17.03 28.77 -6.12
N GLN C 14 -17.90 29.35 -6.95
CA GLN C 14 -18.11 30.80 -6.96
C GLN C 14 -18.54 31.28 -5.57
N SER C 15 -19.35 30.48 -4.89
CA SER C 15 -19.88 30.84 -3.60
C SER C 15 -18.89 30.84 -2.43
N ILE C 16 -17.82 30.07 -2.52
CA ILE C 16 -16.87 30.08 -1.41
C ILE C 16 -15.78 31.12 -1.62
N ALA C 17 -15.78 31.73 -2.80
CA ALA C 17 -14.79 32.76 -3.12
C ALA C 17 -15.00 33.93 -2.16
N GLY C 18 -13.92 34.40 -1.55
CA GLY C 18 -14.01 35.51 -0.63
C GLY C 18 -14.00 35.07 0.82
N LEU C 19 -14.29 33.79 1.07
CA LEU C 19 -14.30 33.30 2.43
C LEU C 19 -12.87 33.14 2.92
N THR C 20 -12.71 33.10 4.25
CA THR C 20 -11.39 32.91 4.84
C THR C 20 -11.37 31.45 5.26
N PHE C 21 -10.18 30.87 5.37
CA PHE C 21 -10.08 29.47 5.76
C PHE C 21 -10.86 29.24 7.06
N GLY C 22 -10.85 30.25 7.93
CA GLY C 22 -11.54 30.13 9.21
C GLY C 22 -13.05 29.97 9.07
N GLU C 23 -13.64 30.82 8.24
CA GLU C 23 -15.07 30.77 8.00
C GLU C 23 -15.49 29.43 7.41
N LEU C 24 -14.77 28.98 6.38
CA LEU C 24 -15.09 27.73 5.71
C LEU C 24 -14.82 26.52 6.60
N ALA C 25 -13.71 26.55 7.32
CA ALA C 25 -13.39 25.44 8.21
C ALA C 25 -14.48 25.37 9.28
N ASP C 26 -14.94 26.54 9.70
CA ASP C 26 -16.00 26.64 10.71
C ASP C 26 -17.28 25.94 10.25
N GLU C 27 -17.73 26.29 9.05
CA GLU C 27 -18.93 25.68 8.48
C GLU C 27 -18.83 24.17 8.35
N LEU C 28 -17.63 23.68 8.03
CA LEU C 28 -17.42 22.26 7.86
C LEU C 28 -16.98 21.59 9.15
N HIS C 29 -16.98 22.36 10.24
CA HIS C 29 -16.61 21.84 11.54
C HIS C 29 -15.23 21.21 11.46
N ILE C 30 -14.36 21.89 10.73
CA ILE C 30 -13.00 21.43 10.53
C ILE C 30 -12.04 22.30 11.34
N PRO C 31 -11.31 21.69 12.29
CA PRO C 31 -10.39 22.52 13.07
C PRO C 31 -9.26 23.09 12.19
N VAL C 32 -8.81 24.29 12.52
CA VAL C 32 -7.74 24.94 11.78
C VAL C 32 -6.43 24.91 12.56
N PRO C 33 -5.35 24.42 11.93
CA PRO C 33 -4.05 24.36 12.62
C PRO C 33 -3.46 25.76 12.77
N ILE C 34 -2.38 25.91 13.53
CA ILE C 34 -1.78 27.23 13.71
C ILE C 34 -1.11 27.67 12.43
N ASP C 35 -0.53 26.72 11.71
CA ASP C 35 0.11 26.99 10.42
C ASP C 35 0.19 25.70 9.61
N LEU C 36 0.78 25.78 8.42
CA LEU C 36 0.87 24.60 7.56
C LEU C 36 2.13 23.75 7.68
N LYS C 37 3.04 24.09 8.59
CA LYS C 37 4.26 23.30 8.74
C LYS C 37 4.04 21.79 8.84
N ARG C 38 3.04 21.38 9.63
CA ARG C 38 2.73 19.95 9.79
C ARG C 38 1.30 19.65 9.39
N ASP C 39 0.88 20.30 8.32
CA ASP C 39 -0.46 20.11 7.75
C ASP C 39 -0.34 20.72 6.37
N LYS C 40 0.73 20.34 5.67
CA LYS C 40 1.01 20.89 4.36
C LYS C 40 -0.13 20.80 3.34
N GLY C 41 -0.98 19.77 3.46
CA GLY C 41 -2.08 19.62 2.53
C GLY C 41 -3.45 20.05 3.06
N TRP C 42 -3.47 20.66 4.24
CA TRP C 42 -4.71 21.09 4.88
C TRP C 42 -5.60 21.98 4.03
N VAL C 43 -5.02 22.95 3.34
CA VAL C 43 -5.85 23.83 2.50
C VAL C 43 -6.42 23.07 1.30
N GLY C 44 -5.61 22.23 0.65
CA GLY C 44 -6.09 21.47 -0.48
C GLY C 44 -7.22 20.55 -0.05
N MET C 45 -7.06 19.96 1.14
CA MET C 45 -8.06 19.06 1.67
C MET C 45 -9.31 19.80 2.13
N LEU C 46 -9.12 21.05 2.53
CA LEU C 46 -10.22 21.90 2.96
C LEU C 46 -11.14 22.18 1.77
N LEU C 47 -10.53 22.54 0.64
CA LEU C 47 -11.29 22.83 -0.56
C LEU C 47 -11.98 21.58 -1.12
N GLU C 48 -11.32 20.43 -1.03
CA GLU C 48 -11.93 19.18 -1.51
C GLU C 48 -13.24 18.93 -0.77
N ARG C 49 -13.24 19.09 0.56
CA ARG C 49 -14.44 18.88 1.34
C ARG C 49 -15.53 19.86 0.97
N ALA C 50 -15.17 21.13 0.84
CA ALA C 50 -16.15 22.14 0.49
C ALA C 50 -16.72 21.94 -0.92
N LEU C 51 -15.94 21.32 -1.80
CA LEU C 51 -16.40 21.14 -3.17
C LEU C 51 -16.94 19.76 -3.55
N GLY C 52 -17.02 18.85 -2.61
CA GLY C 52 -17.56 17.54 -2.92
C GLY C 52 -16.60 16.49 -3.43
N ALA C 53 -15.30 16.74 -3.34
CA ALA C 53 -14.32 15.76 -3.79
C ALA C 53 -14.16 14.74 -2.66
N THR C 54 -13.80 13.51 -3.00
CA THR C 54 -13.62 12.46 -2.01
C THR C 54 -12.21 12.48 -1.40
N ALA C 55 -12.14 12.60 -0.09
CA ALA C 55 -10.86 12.64 0.62
C ALA C 55 -10.05 11.36 0.46
N GLY C 56 -8.79 11.51 0.09
CA GLY C 56 -7.91 10.37 -0.08
C GLY C 56 -8.11 9.58 -1.37
N SER C 57 -9.05 10.01 -2.20
CA SER C 57 -9.32 9.32 -3.45
C SER C 57 -8.08 9.24 -4.36
N LYS C 58 -7.93 8.12 -5.05
CA LYS C 58 -6.79 7.90 -5.95
C LYS C 58 -7.21 7.99 -7.42
N ALA C 59 -8.44 8.46 -7.67
CA ALA C 59 -8.96 8.59 -9.03
C ALA C 59 -8.07 9.46 -9.89
N GLU C 60 -8.11 9.27 -11.20
CA GLU C 60 -7.29 10.05 -12.12
C GLU C 60 -7.58 11.55 -11.94
N GLN C 61 -8.82 11.87 -11.59
CA GLN C 61 -9.22 13.26 -11.37
C GLN C 61 -10.15 13.36 -10.18
N ASP C 62 -10.16 14.53 -9.54
CA ASP C 62 -11.02 14.73 -8.37
C ASP C 62 -12.50 14.46 -8.66
N PHE C 63 -12.94 14.86 -9.85
CA PHE C 63 -14.32 14.67 -10.28
C PHE C 63 -14.31 13.91 -11.62
N SER C 64 -14.20 12.60 -11.51
CA SER C 64 -14.14 11.74 -12.69
C SER C 64 -15.39 11.76 -13.58
N HIS C 65 -16.55 12.02 -12.99
CA HIS C 65 -17.79 12.07 -13.75
C HIS C 65 -17.92 13.38 -14.48
N LEU C 66 -17.00 14.31 -14.21
CA LEU C 66 -17.04 15.61 -14.87
C LEU C 66 -15.76 15.85 -15.66
N GLY C 67 -14.74 15.05 -15.38
CA GLY C 67 -13.46 15.23 -16.05
C GLY C 67 -12.78 16.50 -15.54
N VAL C 68 -12.95 16.79 -14.25
CA VAL C 68 -12.36 17.97 -13.66
C VAL C 68 -11.41 17.66 -12.53
N GLU C 69 -10.24 18.31 -12.55
CA GLU C 69 -9.23 18.15 -11.51
C GLU C 69 -9.23 19.44 -10.69
N LEU C 70 -9.22 19.29 -9.37
CA LEU C 70 -9.22 20.43 -8.46
C LEU C 70 -7.83 20.63 -7.89
N LYS C 71 -7.34 21.86 -7.92
CA LYS C 71 -6.02 22.19 -7.36
C LYS C 71 -5.99 23.57 -6.73
N THR C 72 -5.46 23.67 -5.51
CA THR C 72 -5.32 24.96 -4.86
C THR C 72 -3.99 25.52 -5.38
N LEU C 73 -3.87 26.84 -5.40
CA LEU C 73 -2.68 27.52 -5.88
C LEU C 73 -2.38 28.69 -4.94
N PRO C 74 -1.36 28.53 -4.09
CA PRO C 74 -1.00 29.60 -3.14
C PRO C 74 -0.46 30.84 -3.85
N ILE C 75 -1.01 32.01 -3.53
CA ILE C 75 -0.56 33.25 -4.17
C ILE C 75 -0.06 34.24 -3.13
N ASN C 76 0.96 35.01 -3.49
CA ASN C 76 1.51 35.97 -2.54
C ASN C 76 0.75 37.27 -2.57
N ALA C 77 1.17 38.20 -1.72
CA ALA C 77 0.52 39.49 -1.59
C ALA C 77 0.37 40.27 -2.90
N GLU C 78 1.19 39.97 -3.90
CA GLU C 78 1.11 40.68 -5.16
C GLU C 78 0.42 39.90 -6.26
N GLY C 79 -0.19 38.77 -5.91
CA GLY C 79 -0.89 37.96 -6.89
C GLY C 79 -0.01 36.94 -7.60
N TYR C 80 1.19 36.72 -7.08
CA TYR C 80 2.13 35.78 -7.69
C TYR C 80 2.15 34.41 -6.99
N PRO C 81 2.31 33.32 -7.76
CA PRO C 81 2.36 31.97 -7.17
C PRO C 81 3.47 31.87 -6.12
N LEU C 82 3.14 31.33 -4.95
CA LEU C 82 4.12 31.19 -3.87
C LEU C 82 4.91 29.90 -3.94
N GLU C 83 4.33 28.88 -4.57
CA GLU C 83 4.96 27.57 -4.71
C GLU C 83 4.67 27.01 -6.08
N THR C 84 5.43 25.99 -6.46
CA THR C 84 5.19 25.30 -7.71
C THR C 84 3.96 24.45 -7.41
N THR C 85 3.37 23.86 -8.45
CA THR C 85 2.19 23.03 -8.28
C THR C 85 2.50 21.56 -8.57
N PHE C 86 2.23 20.70 -7.60
CA PHE C 86 2.46 19.27 -7.76
C PHE C 86 1.38 18.74 -8.70
N VAL C 87 1.78 17.97 -9.70
CA VAL C 87 0.82 17.42 -10.65
C VAL C 87 0.56 15.95 -10.37
N SER C 88 1.60 15.13 -10.51
CA SER C 88 1.46 13.70 -10.30
C SER C 88 2.82 13.01 -10.21
N LEU C 89 2.80 11.79 -9.69
CA LEU C 89 4.02 10.98 -9.54
C LEU C 89 4.52 10.53 -10.91
N ALA C 90 5.83 10.64 -11.12
CA ALA C 90 6.39 10.21 -12.39
C ALA C 90 6.52 8.69 -12.36
N PRO C 91 5.94 7.98 -13.35
CA PRO C 91 6.03 6.52 -13.37
C PRO C 91 7.48 6.15 -13.71
N LEU C 92 8.21 5.61 -12.74
CA LEU C 92 9.62 5.26 -12.95
C LEU C 92 9.85 3.89 -13.58
N VAL C 93 8.85 3.01 -13.50
CA VAL C 93 8.95 1.68 -14.10
C VAL C 93 7.67 1.43 -14.89
N GLN C 94 7.62 0.35 -15.66
CA GLN C 94 6.43 0.06 -16.45
C GLN C 94 6.09 1.29 -17.29
N ASN C 95 7.14 1.92 -17.82
CA ASN C 95 7.01 3.12 -18.64
C ASN C 95 7.42 2.85 -20.09
N SER C 96 7.40 1.58 -20.47
CA SER C 96 7.78 1.11 -21.82
C SER C 96 7.74 2.16 -22.94
N GLY C 97 6.69 2.10 -23.76
CA GLY C 97 6.55 3.04 -24.86
C GLY C 97 5.40 4.00 -24.59
N VAL C 98 5.36 4.53 -23.37
CA VAL C 98 4.31 5.44 -22.94
C VAL C 98 4.25 6.74 -23.73
N LYS C 99 3.03 7.13 -24.12
CA LYS C 99 2.81 8.34 -24.89
C LYS C 99 2.21 9.45 -24.04
N TRP C 100 2.35 10.68 -24.53
CA TRP C 100 1.84 11.86 -23.86
C TRP C 100 0.31 11.83 -23.78
N GLU C 101 -0.33 11.43 -24.87
CA GLU C 101 -1.77 11.38 -24.97
C GLU C 101 -2.49 10.63 -23.86
N ASN C 102 -1.88 9.56 -23.36
CA ASN C 102 -2.48 8.77 -22.30
C ASN C 102 -1.84 9.01 -20.93
N SER C 103 -0.95 9.99 -20.84
CA SER C 103 -0.25 10.26 -19.58
C SER C 103 -1.11 10.81 -18.46
N HIS C 104 -0.70 10.51 -17.22
CA HIS C 104 -1.40 10.99 -16.04
C HIS C 104 -1.35 12.51 -16.02
N VAL C 105 -0.19 13.05 -16.37
CA VAL C 105 0.00 14.49 -16.39
C VAL C 105 -1.07 15.14 -17.28
N ARG C 106 -1.17 14.65 -18.51
CA ARG C 106 -2.14 15.19 -19.44
C ARG C 106 -3.55 15.07 -18.87
N HIS C 107 -3.88 13.89 -18.37
CA HIS C 107 -5.22 13.65 -17.80
C HIS C 107 -5.55 14.64 -16.68
N LYS C 108 -4.57 14.89 -15.81
CA LYS C 108 -4.77 15.80 -14.69
C LYS C 108 -4.78 17.27 -15.06
N LEU C 109 -4.10 17.64 -16.15
CA LEU C 109 -4.05 19.03 -16.56
C LEU C 109 -4.95 19.39 -17.74
N SER C 110 -5.76 18.44 -18.20
CA SER C 110 -6.65 18.69 -19.34
C SER C 110 -7.75 19.68 -18.94
N CYS C 111 -8.25 19.55 -17.73
CA CYS C 111 -9.28 20.46 -17.23
C CYS C 111 -9.08 20.67 -15.74
N VAL C 112 -8.67 21.88 -15.37
CA VAL C 112 -8.39 22.19 -13.99
C VAL C 112 -9.25 23.32 -13.41
N LEU C 113 -9.79 23.06 -12.23
CA LEU C 113 -10.54 24.07 -11.52
C LEU C 113 -9.48 24.59 -10.55
N TRP C 114 -8.88 25.73 -10.87
CA TRP C 114 -7.88 26.32 -9.99
C TRP C 114 -8.59 27.13 -8.91
N MET C 115 -8.16 26.96 -7.66
CA MET C 115 -8.71 27.72 -6.56
C MET C 115 -7.53 28.48 -5.94
N PRO C 116 -7.28 29.73 -6.39
CA PRO C 116 -6.18 30.50 -5.82
C PRO C 116 -6.48 30.79 -4.36
N ILE C 117 -5.47 30.68 -3.51
CA ILE C 117 -5.65 30.94 -2.09
C ILE C 117 -4.45 31.75 -1.60
N GLU C 118 -4.67 32.61 -0.60
CA GLU C 118 -3.59 33.42 -0.07
C GLU C 118 -2.65 32.53 0.71
N GLY C 119 -1.35 32.67 0.46
CA GLY C 119 -0.39 31.85 1.18
C GLY C 119 0.64 32.62 2.00
N SER C 120 0.59 33.94 1.96
CA SER C 120 1.55 34.76 2.69
C SER C 120 1.70 34.35 4.15
N ARG C 121 2.94 34.10 4.56
CA ARG C 121 3.24 33.68 5.93
C ARG C 121 2.81 34.72 6.98
N HIS C 122 2.85 36.00 6.63
CA HIS C 122 2.47 37.02 7.61
C HIS C 122 1.00 37.03 7.98
N ILE C 123 0.18 36.33 7.19
CA ILE C 123 -1.24 36.26 7.47
C ILE C 123 -1.52 35.00 8.25
N PRO C 124 -2.24 35.10 9.39
CA PRO C 124 -2.54 33.91 10.18
C PRO C 124 -3.44 33.00 9.37
N LEU C 125 -3.13 31.70 9.35
CA LEU C 125 -3.90 30.73 8.58
C LEU C 125 -5.41 30.99 8.56
N ARG C 126 -6.01 31.09 9.75
CA ARG C 126 -7.45 31.33 9.85
C ARG C 126 -7.95 32.47 8.98
N GLU C 127 -7.15 33.51 8.83
CA GLU C 127 -7.55 34.68 8.07
C GLU C 127 -7.28 34.73 6.57
N ARG C 128 -6.57 33.75 6.03
CA ARG C 128 -6.27 33.79 4.60
C ARG C 128 -7.53 33.61 3.77
N HIS C 129 -7.60 34.32 2.65
CA HIS C 129 -8.75 34.26 1.77
C HIS C 129 -8.65 33.26 0.62
N ILE C 130 -9.83 32.83 0.17
CA ILE C 130 -9.96 31.91 -0.95
C ILE C 130 -10.30 32.81 -2.11
N GLY C 131 -9.56 32.70 -3.21
CA GLY C 131 -9.82 33.54 -4.35
C GLY C 131 -10.96 33.06 -5.22
N ALA C 132 -11.13 33.70 -6.37
CA ALA C 132 -12.19 33.33 -7.28
C ALA C 132 -11.69 32.17 -8.13
N PRO C 133 -12.55 31.18 -8.42
CA PRO C 133 -12.14 30.04 -9.23
C PRO C 133 -11.73 30.42 -10.65
N ILE C 134 -10.84 29.62 -11.22
CA ILE C 134 -10.36 29.80 -12.60
C ILE C 134 -10.51 28.42 -13.23
N PHE C 135 -11.54 28.27 -14.08
CA PHE C 135 -11.78 27.01 -14.75
C PHE C 135 -10.85 27.06 -15.95
N TRP C 136 -9.86 26.17 -15.96
CA TRP C 136 -8.85 26.21 -17.00
C TRP C 136 -8.64 25.00 -17.92
N LYS C 137 -8.34 25.31 -19.17
CA LYS C 137 -8.02 24.31 -20.20
C LYS C 137 -6.72 24.84 -20.76
N PRO C 138 -5.71 23.97 -20.94
CA PRO C 138 -4.47 24.53 -21.48
C PRO C 138 -4.65 24.96 -22.93
N THR C 139 -4.03 26.09 -23.30
CA THR C 139 -4.12 26.56 -24.68
C THR C 139 -3.27 25.61 -25.51
N ALA C 140 -3.39 25.73 -26.83
CA ALA C 140 -2.62 24.87 -27.73
C ALA C 140 -1.13 25.03 -27.47
N GLU C 141 -0.72 26.24 -27.13
CA GLU C 141 0.68 26.51 -26.85
C GLU C 141 1.10 25.88 -25.52
N GLN C 142 0.27 26.09 -24.49
CA GLN C 142 0.58 25.53 -23.18
C GLN C 142 0.70 24.02 -23.24
N GLU C 143 -0.21 23.36 -23.96
CA GLU C 143 -0.13 21.91 -24.06
C GLU C 143 1.11 21.45 -24.83
N ARG C 144 1.53 22.22 -25.83
CA ARG C 144 2.72 21.82 -26.57
C ARG C 144 3.92 21.91 -25.61
N GLN C 145 3.93 22.95 -24.80
CA GLN C 145 5.03 23.12 -23.83
C GLN C 145 5.07 21.96 -22.83
N LEU C 146 3.90 21.61 -22.28
CA LEU C 146 3.81 20.52 -21.32
C LEU C 146 4.26 19.21 -21.92
N LYS C 147 3.81 18.94 -23.13
CA LYS C 147 4.13 17.72 -23.85
C LYS C 147 5.64 17.60 -24.10
N GLN C 148 6.25 18.70 -24.48
CA GLN C 148 7.67 18.72 -24.75
C GLN C 148 8.45 18.36 -23.48
N ASP C 149 8.11 19.01 -22.37
CA ASP C 149 8.79 18.74 -21.11
C ASP C 149 8.56 17.30 -20.66
N TRP C 150 7.31 16.84 -20.77
CA TRP C 150 6.97 15.49 -20.37
C TRP C 150 7.85 14.48 -21.13
N GLU C 151 7.91 14.65 -22.45
CA GLU C 151 8.68 13.77 -23.30
C GLU C 151 10.16 13.80 -22.96
N GLU C 152 10.71 15.00 -22.72
CA GLU C 152 12.13 15.12 -22.38
C GLU C 152 12.43 14.46 -21.04
N LEU C 153 11.59 14.74 -20.06
CA LEU C 153 11.79 14.17 -18.72
C LEU C 153 11.58 12.66 -18.73
N MET C 154 10.54 12.19 -19.44
CA MET C 154 10.29 10.76 -19.52
C MET C 154 11.41 10.00 -20.25
N ASP C 155 11.95 10.58 -21.32
CA ASP C 155 13.03 9.91 -22.03
C ASP C 155 14.17 9.66 -21.04
N LEU C 156 14.46 10.67 -20.24
CA LEU C 156 15.52 10.56 -19.25
C LEU C 156 15.25 9.43 -18.27
N ILE C 157 14.00 9.29 -17.86
CA ILE C 157 13.60 8.25 -16.93
C ILE C 157 13.63 6.85 -17.54
N VAL C 158 13.08 6.72 -18.73
CA VAL C 158 13.05 5.42 -19.40
C VAL C 158 14.44 4.89 -19.73
N LEU C 159 15.38 5.80 -20.02
CA LEU C 159 16.74 5.41 -20.37
C LEU C 159 17.65 5.19 -19.16
N GLY C 160 17.05 5.08 -17.98
CA GLY C 160 17.84 4.86 -16.79
C GLY C 160 18.83 5.97 -16.51
N LYS C 161 18.54 7.16 -16.99
CA LYS C 161 19.41 8.31 -16.76
C LYS C 161 18.92 9.15 -15.58
N LEU C 162 18.41 8.49 -14.55
CA LEU C 162 17.90 9.20 -13.37
C LEU C 162 18.95 10.07 -12.70
N ASP C 163 20.20 9.61 -12.72
CA ASP C 163 21.30 10.35 -12.13
C ASP C 163 21.49 11.72 -12.76
N GLN C 164 21.08 11.85 -14.02
CA GLN C 164 21.20 13.12 -14.74
C GLN C 164 20.03 14.06 -14.48
N ILE C 165 19.02 13.60 -13.75
CA ILE C 165 17.85 14.44 -13.50
C ILE C 165 17.96 15.42 -12.35
N THR C 166 17.71 16.68 -12.68
CA THR C 166 17.74 17.78 -11.73
C THR C 166 16.45 18.58 -11.95
N ALA C 167 16.09 19.44 -11.01
CA ALA C 167 14.88 20.25 -11.13
C ALA C 167 15.05 21.31 -12.22
N ARG C 168 16.29 21.51 -12.65
CA ARG C 168 16.57 22.52 -13.66
C ARG C 168 16.16 22.13 -15.08
N ILE C 169 15.73 20.89 -15.27
CA ILE C 169 15.29 20.44 -16.60
C ILE C 169 13.81 20.71 -16.78
N GLY C 170 13.43 21.15 -17.98
CA GLY C 170 12.04 21.43 -18.27
C GLY C 170 11.77 22.91 -18.42
N GLU C 171 11.05 23.30 -19.48
CA GLU C 171 10.76 24.71 -19.67
C GLU C 171 9.65 25.23 -18.75
N VAL C 172 8.55 24.47 -18.61
CA VAL C 172 7.44 24.90 -17.77
C VAL C 172 7.05 23.88 -16.69
N MET C 173 7.58 22.67 -16.82
CA MET C 173 7.29 21.60 -15.86
C MET C 173 8.62 20.92 -15.49
N GLN C 174 8.75 20.50 -14.24
CA GLN C 174 9.99 19.89 -13.78
C GLN C 174 9.75 18.65 -12.94
N LEU C 175 10.83 17.95 -12.62
CA LEU C 175 10.77 16.79 -11.76
C LEU C 175 11.50 17.17 -10.48
N ARG C 176 10.86 16.95 -9.33
CA ARG C 176 11.48 17.22 -8.04
C ARG C 176 11.08 16.01 -7.20
N PRO C 177 11.66 15.85 -6.00
CA PRO C 177 11.29 14.70 -5.17
C PRO C 177 9.82 14.76 -4.75
N LYS C 178 9.26 13.60 -4.42
CA LYS C 178 7.89 13.52 -3.94
C LYS C 178 7.82 12.31 -3.01
N GLY C 179 7.96 12.55 -1.71
CA GLY C 179 7.93 11.48 -0.74
C GLY C 179 8.09 12.00 0.68
N ALA C 180 8.28 11.08 1.63
CA ALA C 180 8.44 11.41 3.04
C ALA C 180 9.68 12.25 3.31
N ASN C 181 10.78 11.88 2.68
CA ASN C 181 12.04 12.60 2.86
C ASN C 181 13.03 12.08 1.81
N SER C 182 14.27 12.53 1.90
CA SER C 182 15.30 12.13 0.95
C SER C 182 15.65 10.66 1.00
N ARG C 183 15.06 9.91 1.95
CA ARG C 183 15.35 8.49 2.06
C ARG C 183 14.24 7.61 1.52
N ALA C 184 13.16 8.23 1.07
CA ALA C 184 12.05 7.46 0.51
C ALA C 184 12.59 6.79 -0.75
N VAL C 185 12.10 5.58 -1.06
CA VAL C 185 12.52 4.86 -2.26
C VAL C 185 11.35 4.19 -2.96
N THR C 186 11.52 3.97 -4.26
CA THR C 186 10.52 3.32 -5.09
C THR C 186 11.35 2.66 -6.19
N LYS C 187 10.76 1.73 -6.94
CA LYS C 187 11.50 1.06 -8.00
C LYS C 187 11.71 1.98 -9.19
N GLY C 188 12.90 1.89 -9.80
CA GLY C 188 13.23 2.69 -10.96
C GLY C 188 14.11 1.90 -11.91
N ILE C 189 14.64 2.56 -12.94
CA ILE C 189 15.50 1.89 -13.90
C ILE C 189 16.94 2.37 -13.81
N GLY C 190 17.86 1.44 -13.61
CA GLY C 190 19.27 1.79 -13.51
C GLY C 190 19.92 2.12 -14.85
N LYS C 191 21.22 2.38 -14.82
CA LYS C 191 21.98 2.73 -16.03
C LYS C 191 22.15 1.55 -16.99
N ASN C 192 21.79 0.35 -16.54
CA ASN C 192 21.91 -0.83 -17.39
C ASN C 192 20.59 -1.54 -17.60
N GLY C 193 19.54 -1.04 -16.96
CA GLY C 193 18.23 -1.65 -17.12
C GLY C 193 17.77 -2.44 -15.91
N GLU C 194 18.63 -2.60 -14.92
CA GLU C 194 18.24 -3.33 -13.71
C GLU C 194 17.24 -2.48 -12.96
N ILE C 195 16.36 -3.13 -12.20
CA ILE C 195 15.39 -2.42 -11.41
C ILE C 195 16.05 -2.08 -10.08
N ILE C 196 16.22 -0.78 -9.85
CA ILE C 196 16.88 -0.27 -8.66
C ILE C 196 15.97 0.46 -7.70
N ASP C 197 16.53 0.81 -6.55
CA ASP C 197 15.81 1.57 -5.53
C ASP C 197 16.19 3.00 -5.86
N THR C 198 15.21 3.89 -5.84
CA THR C 198 15.48 5.28 -6.16
C THR C 198 14.49 6.23 -5.50
N LEU C 199 14.88 7.48 -5.41
CA LEU C 199 14.04 8.52 -4.83
C LEU C 199 12.81 8.74 -5.72
N PRO C 200 11.61 8.65 -5.13
CA PRO C 200 10.39 8.86 -5.94
C PRO C 200 10.37 10.31 -6.41
N LEU C 201 9.89 10.52 -7.63
CA LEU C 201 9.84 11.87 -8.19
C LEU C 201 8.43 12.23 -8.65
N GLY C 202 8.14 13.52 -8.66
CA GLY C 202 6.84 13.96 -9.12
C GLY C 202 7.01 15.10 -10.10
N PHE C 203 6.04 15.29 -10.99
CA PHE C 203 6.06 16.40 -11.94
C PHE C 203 5.47 17.63 -11.23
N TYR C 204 6.10 18.78 -11.42
CA TYR C 204 5.63 20.02 -10.82
C TYR C 204 5.59 21.09 -11.89
N LEU C 205 4.55 21.92 -11.86
CA LEU C 205 4.46 23.01 -12.81
C LEU C 205 5.28 24.13 -12.20
N ARG C 206 6.05 24.84 -13.02
CA ARG C 206 6.85 25.93 -12.52
C ARG C 206 5.97 27.14 -12.25
N LYS C 207 6.42 28.01 -11.36
CA LYS C 207 5.69 29.21 -10.99
C LYS C 207 5.40 30.13 -12.17
N GLU C 208 6.31 30.14 -13.14
CA GLU C 208 6.13 31.00 -14.31
C GLU C 208 4.94 30.49 -15.12
N PHE C 209 4.74 29.18 -15.13
CA PHE C 209 3.65 28.60 -15.88
C PHE C 209 2.29 28.99 -15.28
N THR C 210 2.13 28.74 -13.98
CA THR C 210 0.86 29.06 -13.33
C THR C 210 0.67 30.58 -13.29
N ALA C 211 1.77 31.33 -13.18
CA ALA C 211 1.67 32.79 -13.18
C ALA C 211 1.04 33.22 -14.51
N GLN C 212 1.37 32.50 -15.58
CA GLN C 212 0.82 32.83 -16.88
C GLN C 212 -0.68 32.57 -16.90
N ILE C 213 -1.12 31.54 -16.19
CA ILE C 213 -2.53 31.22 -16.14
C ILE C 213 -3.26 32.35 -15.42
N LEU C 214 -2.70 32.79 -14.28
CA LEU C 214 -3.30 33.87 -13.51
C LEU C 214 -3.37 35.17 -14.31
N ASN C 215 -2.31 35.43 -15.07
CA ASN C 215 -2.23 36.63 -15.91
C ASN C 215 -3.28 36.65 -17.00
N ALA C 216 -3.41 35.54 -17.73
CA ALA C 216 -4.40 35.43 -18.79
C ALA C 216 -5.79 35.69 -18.21
N PHE C 217 -6.01 35.16 -17.01
CA PHE C 217 -7.29 35.34 -16.34
C PHE C 217 -7.57 36.81 -16.05
N LEU C 218 -6.59 37.49 -15.45
CA LEU C 218 -6.74 38.90 -15.12
C LEU C 218 -6.99 39.74 -16.37
N GLU C 219 -6.38 39.34 -17.48
CA GLU C 219 -6.52 40.06 -18.73
C GLU C 219 -7.91 39.90 -19.35
N THR C 220 -8.75 39.09 -18.70
CA THR C 220 -10.11 38.88 -19.20
C THR C 220 -11.10 39.78 -18.48
N MET D 1 11.71 -7.48 23.60
CA MET D 1 12.09 -7.19 22.20
C MET D 1 12.89 -8.33 21.55
N ILE D 2 13.24 -8.13 20.29
CA ILE D 2 13.96 -9.09 19.46
C ILE D 2 15.08 -9.94 20.05
N PRO D 3 14.92 -11.28 20.02
CA PRO D 3 15.91 -12.22 20.55
C PRO D 3 17.18 -12.12 19.70
N GLN D 4 18.33 -12.11 20.35
CA GLN D 4 19.59 -11.98 19.64
C GLN D 4 20.18 -13.31 19.19
N THR D 5 19.86 -14.39 19.91
CA THR D 5 20.36 -15.71 19.55
C THR D 5 19.20 -16.69 19.46
N LEU D 6 19.50 -17.90 18.97
CA LEU D 6 18.50 -18.93 18.81
C LEU D 6 18.10 -19.53 20.15
N GLU D 7 19.06 -19.67 21.06
CA GLU D 7 18.73 -20.26 22.36
C GLU D 7 17.86 -19.30 23.16
N GLN D 8 18.03 -18.00 22.90
CA GLN D 8 17.23 -16.98 23.57
C GLN D 8 15.76 -17.06 23.13
N LEU D 9 15.55 -17.16 21.81
CA LEU D 9 14.21 -17.25 21.25
C LEU D 9 13.56 -18.54 21.71
N LEU D 10 14.28 -19.65 21.57
CA LEU D 10 13.75 -20.96 21.94
C LEU D 10 13.53 -21.13 23.44
N SER D 11 14.37 -20.52 24.26
CA SER D 11 14.20 -20.63 25.70
C SER D 11 12.96 -19.85 26.10
N GLN D 12 12.79 -18.67 25.51
CA GLN D 12 11.62 -17.85 25.78
C GLN D 12 10.34 -18.60 25.36
N ALA D 13 10.41 -19.26 24.21
CA ALA D 13 9.26 -20.01 23.70
C ALA D 13 8.92 -21.14 24.67
N GLN D 14 9.94 -21.86 25.12
CA GLN D 14 9.73 -22.95 26.07
C GLN D 14 9.22 -22.44 27.41
N SER D 15 9.56 -21.20 27.77
CA SER D 15 9.12 -20.66 29.04
C SER D 15 7.66 -20.17 29.07
N ILE D 16 7.09 -19.83 27.91
CA ILE D 16 5.69 -19.40 27.92
C ILE D 16 4.73 -20.55 27.71
N ALA D 17 5.28 -21.74 27.47
CA ALA D 17 4.45 -22.93 27.28
C ALA D 17 3.65 -23.18 28.55
N GLY D 18 2.36 -23.45 28.42
CA GLY D 18 1.54 -23.69 29.60
C GLY D 18 0.79 -22.46 30.11
N LEU D 19 1.16 -21.27 29.66
CA LEU D 19 0.45 -20.07 30.08
C LEU D 19 -0.87 -20.04 29.31
N THR D 20 -1.89 -19.41 29.89
CA THR D 20 -3.19 -19.26 29.22
C THR D 20 -3.10 -17.92 28.53
N PHE D 21 -3.96 -17.69 27.53
CA PHE D 21 -3.96 -16.44 26.79
C PHE D 21 -4.20 -15.28 27.74
N GLY D 22 -5.05 -15.52 28.73
CA GLY D 22 -5.36 -14.47 29.70
C GLY D 22 -4.16 -14.08 30.53
N GLU D 23 -3.43 -15.07 31.06
CA GLU D 23 -2.26 -14.76 31.87
C GLU D 23 -1.22 -14.01 31.04
N LEU D 24 -1.02 -14.41 29.79
CA LEU D 24 -0.04 -13.76 28.92
C LEU D 24 -0.45 -12.34 28.57
N ALA D 25 -1.70 -12.17 28.17
CA ALA D 25 -2.20 -10.85 27.82
C ALA D 25 -2.13 -9.91 29.00
N ASP D 26 -2.42 -10.41 30.19
CA ASP D 26 -2.35 -9.58 31.39
C ASP D 26 -0.91 -9.12 31.60
N GLU D 27 0.04 -10.04 31.45
CA GLU D 27 1.45 -9.69 31.60
C GLU D 27 1.82 -8.59 30.64
N LEU D 28 1.27 -8.66 29.44
CA LEU D 28 1.56 -7.68 28.40
C LEU D 28 0.64 -6.46 28.43
N HIS D 29 -0.30 -6.44 29.38
CA HIS D 29 -1.24 -5.34 29.46
C HIS D 29 -1.98 -5.19 28.14
N ILE D 30 -2.41 -6.33 27.59
CA ILE D 30 -3.13 -6.37 26.31
C ILE D 30 -4.54 -6.88 26.58
N PRO D 31 -5.57 -6.11 26.15
CA PRO D 31 -6.94 -6.54 26.38
C PRO D 31 -7.29 -7.80 25.58
N VAL D 32 -8.08 -8.69 26.17
CA VAL D 32 -8.48 -9.94 25.53
C VAL D 32 -9.91 -9.88 25.00
N PRO D 33 -10.11 -10.17 23.71
CA PRO D 33 -11.48 -10.13 23.18
C PRO D 33 -12.34 -11.28 23.71
N ILE D 34 -13.64 -11.23 23.42
CA ILE D 34 -14.57 -12.27 23.88
C ILE D 34 -14.37 -13.55 23.11
N ASP D 35 -14.08 -13.40 21.82
CA ASP D 35 -13.81 -14.54 20.95
C ASP D 35 -12.99 -14.03 19.78
N LEU D 36 -12.73 -14.88 18.80
CA LEU D 36 -11.90 -14.46 17.68
C LEU D 36 -12.64 -14.03 16.41
N LYS D 37 -13.97 -13.98 16.46
CA LYS D 37 -14.76 -13.60 15.30
C LYS D 37 -14.33 -12.29 14.63
N ARG D 38 -14.04 -11.28 15.45
CA ARG D 38 -13.62 -9.97 14.93
C ARG D 38 -12.18 -9.66 15.37
N ASP D 39 -11.39 -10.70 15.57
CA ASP D 39 -9.99 -10.56 16.00
C ASP D 39 -9.29 -11.85 15.62
N LYS D 40 -9.42 -12.24 14.36
CA LYS D 40 -8.87 -13.49 13.87
C LYS D 40 -7.38 -13.71 14.07
N GLY D 41 -6.58 -12.65 14.01
CA GLY D 41 -5.15 -12.80 14.19
C GLY D 41 -4.66 -12.38 15.56
N TRP D 42 -5.56 -12.33 16.53
CA TRP D 42 -5.20 -11.89 17.87
C TRP D 42 -4.22 -12.83 18.59
N VAL D 43 -4.44 -14.14 18.49
CA VAL D 43 -3.53 -15.09 19.15
C VAL D 43 -2.16 -15.01 18.48
N GLY D 44 -2.16 -14.88 17.16
CA GLY D 44 -0.91 -14.78 16.44
C GLY D 44 -0.13 -13.53 16.83
N MET D 45 -0.84 -12.42 17.06
CA MET D 45 -0.17 -11.17 17.44
C MET D 45 0.33 -11.31 18.86
N LEU D 46 -0.43 -12.01 19.69
CA LEU D 46 -0.06 -12.22 21.07
C LEU D 46 1.28 -12.93 21.16
N LEU D 47 1.45 -14.00 20.38
CA LEU D 47 2.71 -14.73 20.41
C LEU D 47 3.86 -13.90 19.85
N GLU D 48 3.58 -13.05 18.86
CA GLU D 48 4.64 -12.22 18.29
C GLU D 48 5.17 -11.27 19.37
N ARG D 49 4.24 -10.69 20.14
CA ARG D 49 4.60 -9.78 21.22
C ARG D 49 5.44 -10.48 22.29
N ALA D 50 4.98 -11.65 22.71
CA ALA D 50 5.68 -12.40 23.75
C ALA D 50 7.05 -12.92 23.33
N LEU D 51 7.28 -13.10 22.03
CA LEU D 51 8.56 -13.62 21.55
C LEU D 51 9.48 -12.61 20.87
N GLY D 52 9.09 -11.35 20.86
CA GLY D 52 9.92 -10.33 20.26
C GLY D 52 9.87 -10.15 18.75
N ALA D 53 8.83 -10.67 18.10
CA ALA D 53 8.71 -10.46 16.67
C ALA D 53 8.12 -9.05 16.57
N THR D 54 8.12 -8.46 15.38
CA THR D 54 7.57 -7.11 15.26
C THR D 54 6.17 -7.06 14.64
N ALA D 55 5.29 -6.29 15.28
CA ALA D 55 3.92 -6.14 14.82
C ALA D 55 3.84 -5.38 13.49
N GLY D 56 2.94 -5.83 12.60
CA GLY D 56 2.77 -5.19 11.32
C GLY D 56 3.82 -5.54 10.29
N SER D 57 5.01 -5.92 10.76
CA SER D 57 6.13 -6.28 9.88
C SER D 57 5.75 -7.11 8.65
N LYS D 58 6.42 -6.84 7.54
CA LYS D 58 6.17 -7.53 6.29
C LYS D 58 7.44 -8.23 5.79
N ALA D 59 8.35 -8.56 6.70
CA ALA D 59 9.59 -9.24 6.34
C ALA D 59 9.27 -10.69 5.96
N GLU D 60 10.12 -11.32 5.16
CA GLU D 60 9.88 -12.69 4.74
C GLU D 60 9.72 -13.68 5.91
N GLN D 61 10.58 -13.57 6.92
CA GLN D 61 10.53 -14.40 8.11
C GLN D 61 10.41 -13.50 9.34
N ASP D 62 9.70 -13.96 10.36
CA ASP D 62 9.52 -13.18 11.58
C ASP D 62 10.86 -12.82 12.22
N PHE D 63 11.80 -13.76 12.21
CA PHE D 63 13.12 -13.49 12.77
C PHE D 63 14.14 -13.78 11.67
N SER D 64 14.29 -12.82 10.75
CA SER D 64 15.21 -12.92 9.62
C SER D 64 16.66 -13.17 9.98
N HIS D 65 17.15 -12.49 11.00
CA HIS D 65 18.52 -12.66 11.44
C HIS D 65 18.76 -14.08 11.95
N LEU D 66 17.71 -14.72 12.46
CA LEU D 66 17.83 -16.07 13.00
C LEU D 66 17.39 -17.12 11.98
N GLY D 67 16.72 -16.69 10.93
CA GLY D 67 16.24 -17.62 9.93
C GLY D 67 15.07 -18.44 10.44
N VAL D 68 14.17 -17.81 11.20
CA VAL D 68 13.02 -18.50 11.76
C VAL D 68 11.69 -17.81 11.50
N GLU D 69 10.67 -18.60 11.20
CA GLU D 69 9.31 -18.08 10.97
C GLU D 69 8.44 -18.55 12.15
N LEU D 70 7.66 -17.64 12.72
CA LEU D 70 6.79 -17.99 13.85
C LEU D 70 5.36 -18.22 13.35
N LYS D 71 4.74 -19.32 13.77
CA LYS D 71 3.37 -19.61 13.37
C LYS D 71 2.58 -20.31 14.48
N THR D 72 1.44 -19.74 14.87
CA THR D 72 0.62 -20.41 15.86
C THR D 72 -0.17 -21.46 15.08
N LEU D 73 -0.54 -22.53 15.76
CA LEU D 73 -1.29 -23.63 15.15
C LEU D 73 -2.42 -24.03 16.09
N PRO D 74 -3.66 -23.69 15.73
CA PRO D 74 -4.83 -24.03 16.56
C PRO D 74 -5.07 -25.53 16.63
N ILE D 75 -5.20 -26.08 17.84
CA ILE D 75 -5.44 -27.50 18.00
C ILE D 75 -6.68 -27.81 18.84
N ASN D 76 -7.41 -28.85 18.46
CA ASN D 76 -8.62 -29.19 19.20
C ASN D 76 -8.36 -30.01 20.46
N ALA D 77 -9.45 -30.37 21.14
CA ALA D 77 -9.39 -31.12 22.37
C ALA D 77 -8.61 -32.43 22.22
N GLU D 78 -8.58 -32.98 21.01
CA GLU D 78 -7.88 -34.23 20.79
C GLU D 78 -6.48 -34.04 20.21
N GLY D 79 -6.02 -32.81 20.11
CA GLY D 79 -4.69 -32.55 19.58
C GLY D 79 -4.60 -32.45 18.08
N TYR D 80 -5.73 -32.33 17.40
CA TYR D 80 -5.75 -32.23 15.95
C TYR D 80 -5.86 -30.77 15.46
N PRO D 81 -5.13 -30.40 14.39
CA PRO D 81 -5.22 -29.02 13.90
C PRO D 81 -6.69 -28.66 13.66
N LEU D 82 -7.08 -27.46 14.08
CA LEU D 82 -8.46 -26.99 13.91
C LEU D 82 -8.67 -26.25 12.60
N GLU D 83 -7.59 -25.72 12.05
CA GLU D 83 -7.64 -24.97 10.80
C GLU D 83 -6.38 -25.27 9.98
N THR D 84 -6.45 -24.93 8.70
CA THR D 84 -5.30 -25.04 7.83
C THR D 84 -4.37 -23.90 8.26
N THR D 85 -3.12 -23.91 7.81
CA THR D 85 -2.18 -22.86 8.19
C THR D 85 -1.84 -22.00 7.00
N PHE D 86 -2.04 -20.69 7.14
CA PHE D 86 -1.73 -19.80 6.03
C PHE D 86 -0.22 -19.69 5.90
N VAL D 87 0.28 -19.72 4.68
CA VAL D 87 1.72 -19.61 4.46
C VAL D 87 2.11 -18.28 3.83
N SER D 88 1.58 -18.00 2.65
CA SER D 88 1.90 -16.75 1.98
C SER D 88 1.04 -16.52 0.75
N LEU D 89 1.02 -15.28 0.31
CA LEU D 89 0.28 -14.87 -0.88
C LEU D 89 0.93 -15.51 -2.09
N ALA D 90 0.14 -16.11 -2.96
CA ALA D 90 0.69 -16.70 -4.15
C ALA D 90 0.97 -15.55 -5.11
N PRO D 91 2.18 -15.50 -5.70
CA PRO D 91 2.52 -14.42 -6.64
C PRO D 91 1.84 -14.71 -7.98
N LEU D 92 0.78 -13.96 -8.28
CA LEU D 92 0.04 -14.19 -9.52
C LEU D 92 0.63 -13.50 -10.74
N VAL D 93 1.59 -12.61 -10.54
CA VAL D 93 2.21 -11.93 -11.68
C VAL D 93 3.71 -11.82 -11.45
N GLN D 94 4.46 -11.59 -12.53
CA GLN D 94 5.91 -11.48 -12.43
C GLN D 94 6.44 -12.78 -11.83
N ASN D 95 5.73 -13.86 -12.13
CA ASN D 95 6.08 -15.19 -11.65
C ASN D 95 7.00 -15.90 -12.64
N SER D 96 7.24 -15.25 -13.78
CA SER D 96 8.12 -15.77 -14.83
C SER D 96 8.37 -17.28 -14.77
N GLY D 97 9.63 -17.64 -14.61
CA GLY D 97 10.03 -19.03 -14.52
C GLY D 97 10.71 -19.27 -13.19
N VAL D 98 10.23 -18.58 -12.15
CA VAL D 98 10.77 -18.72 -10.80
C VAL D 98 10.76 -20.18 -10.39
N LYS D 99 11.75 -20.56 -9.60
CA LYS D 99 11.86 -21.94 -9.14
C LYS D 99 11.49 -22.10 -7.68
N TRP D 100 11.20 -23.32 -7.28
CA TRP D 100 10.85 -23.61 -5.91
C TRP D 100 12.00 -23.20 -4.99
N GLU D 101 13.22 -23.53 -5.41
CA GLU D 101 14.42 -23.21 -4.65
C GLU D 101 14.45 -21.80 -4.07
N ASN D 102 13.94 -20.83 -4.81
CA ASN D 102 13.94 -19.45 -4.31
C ASN D 102 12.55 -18.86 -4.16
N SER D 103 11.56 -19.71 -3.88
CA SER D 103 10.18 -19.24 -3.71
C SER D 103 9.95 -18.76 -2.29
N HIS D 104 8.89 -17.97 -2.10
CA HIS D 104 8.55 -17.45 -0.79
C HIS D 104 8.15 -18.60 0.13
N VAL D 105 7.35 -19.52 -0.39
CA VAL D 105 6.88 -20.67 0.39
C VAL D 105 8.04 -21.47 0.97
N ARG D 106 9.00 -21.84 0.13
CA ARG D 106 10.14 -22.61 0.60
C ARG D 106 10.87 -21.83 1.70
N HIS D 107 11.14 -20.56 1.42
CA HIS D 107 11.85 -19.70 2.36
C HIS D 107 11.12 -19.64 3.71
N LYS D 108 9.84 -19.30 3.67
CA LYS D 108 9.05 -19.22 4.88
C LYS D 108 8.92 -20.52 5.64
N LEU D 109 8.89 -21.64 4.92
CA LEU D 109 8.77 -22.96 5.55
C LEU D 109 10.10 -23.70 5.75
N SER D 110 11.22 -23.01 5.58
CA SER D 110 12.51 -23.66 5.76
C SER D 110 12.78 -23.94 7.24
N CYS D 111 12.27 -23.09 8.12
CA CYS D 111 12.46 -23.28 9.56
C CYS D 111 11.33 -22.58 10.29
N VAL D 112 10.43 -23.37 10.85
CA VAL D 112 9.27 -22.80 11.53
C VAL D 112 9.22 -23.10 13.01
N LEU D 113 8.95 -22.08 13.81
CA LEU D 113 8.79 -22.24 15.24
C LEU D 113 7.27 -22.30 15.41
N TRP D 114 6.74 -23.51 15.53
CA TRP D 114 5.32 -23.70 15.70
C TRP D 114 4.94 -23.54 17.17
N MET D 115 3.90 -22.75 17.43
CA MET D 115 3.40 -22.60 18.78
C MET D 115 1.98 -23.11 18.74
N PRO D 116 1.78 -24.38 19.15
CA PRO D 116 0.44 -24.95 19.15
C PRO D 116 -0.32 -24.23 20.26
N ILE D 117 -1.59 -23.94 20.02
CA ILE D 117 -2.42 -23.25 20.99
C ILE D 117 -3.80 -23.90 21.01
N GLU D 118 -4.43 -23.96 22.18
CA GLU D 118 -5.76 -24.52 22.27
C GLU D 118 -6.71 -23.66 21.45
N GLY D 119 -7.60 -24.29 20.70
CA GLY D 119 -8.55 -23.56 19.87
C GLY D 119 -10.00 -24.02 20.01
N SER D 120 -10.25 -24.94 20.92
CA SER D 120 -11.61 -25.44 21.13
C SER D 120 -12.58 -24.34 21.55
N ARG D 121 -13.65 -24.20 20.77
CA ARG D 121 -14.69 -23.21 21.01
C ARG D 121 -15.28 -23.25 22.42
N HIS D 122 -15.26 -24.42 23.05
CA HIS D 122 -15.85 -24.53 24.38
C HIS D 122 -14.96 -23.97 25.48
N ILE D 123 -13.76 -23.53 25.11
CA ILE D 123 -12.85 -22.96 26.09
C ILE D 123 -12.83 -21.45 25.97
N PRO D 124 -13.21 -20.73 27.03
CA PRO D 124 -13.19 -19.26 26.95
C PRO D 124 -11.80 -18.82 26.49
N LEU D 125 -11.74 -17.81 25.63
CA LEU D 125 -10.47 -17.31 25.10
C LEU D 125 -9.38 -17.15 26.18
N ARG D 126 -9.71 -16.49 27.29
CA ARG D 126 -8.74 -16.28 28.35
C ARG D 126 -8.16 -17.55 28.95
N GLU D 127 -8.94 -18.65 28.92
CA GLU D 127 -8.50 -19.90 29.50
C GLU D 127 -7.72 -20.87 28.61
N ARG D 128 -7.56 -20.53 27.34
CA ARG D 128 -6.82 -21.42 26.44
C ARG D 128 -5.32 -21.40 26.71
N HIS D 129 -4.70 -22.56 26.60
CA HIS D 129 -3.27 -22.71 26.84
C HIS D 129 -2.41 -22.67 25.58
N ILE D 130 -1.20 -22.16 25.76
CA ILE D 130 -0.19 -22.12 24.72
C ILE D 130 0.56 -23.44 24.93
N GLY D 131 0.79 -24.18 23.86
CA GLY D 131 1.51 -25.44 24.01
C GLY D 131 3.03 -25.25 23.97
N ALA D 132 3.76 -26.35 23.96
CA ALA D 132 5.22 -26.30 23.87
C ALA D 132 5.61 -26.13 22.40
N PRO D 133 6.63 -25.33 22.12
CA PRO D 133 7.05 -25.12 20.74
C PRO D 133 7.56 -26.36 20.02
N ILE D 134 7.39 -26.35 18.71
CA ILE D 134 7.87 -27.42 17.88
C ILE D 134 8.71 -26.64 16.88
N PHE D 135 10.03 -26.86 16.96
CA PHE D 135 11.01 -26.20 16.10
C PHE D 135 11.18 -27.17 14.95
N TRP D 136 10.64 -26.79 13.80
CA TRP D 136 10.63 -27.68 12.65
C TRP D 136 11.38 -27.27 11.38
N LYS D 137 11.93 -28.28 10.72
CA LYS D 137 12.62 -28.16 9.45
C LYS D 137 11.98 -29.28 8.64
N PRO D 138 11.48 -28.97 7.44
CA PRO D 138 10.86 -30.04 6.66
C PRO D 138 11.82 -31.18 6.32
N THR D 139 11.32 -32.41 6.38
CA THR D 139 12.12 -33.57 6.03
C THR D 139 12.20 -33.59 4.50
N ALA D 140 13.08 -34.42 3.96
CA ALA D 140 13.21 -34.51 2.51
C ALA D 140 11.84 -34.84 1.92
N GLU D 141 11.11 -35.70 2.62
CA GLU D 141 9.77 -36.10 2.18
C GLU D 141 8.82 -34.92 2.17
N GLN D 142 8.77 -34.18 3.27
CA GLN D 142 7.90 -33.02 3.36
C GLN D 142 8.22 -31.97 2.31
N GLU D 143 9.49 -31.63 2.17
CA GLU D 143 9.90 -30.64 1.19
C GLU D 143 9.52 -31.11 -0.22
N ARG D 144 9.67 -32.40 -0.47
CA ARG D 144 9.33 -32.93 -1.78
C ARG D 144 7.85 -32.73 -2.06
N GLN D 145 7.01 -33.06 -1.07
CA GLN D 145 5.56 -32.93 -1.22
C GLN D 145 5.16 -31.47 -1.45
N LEU D 146 5.75 -30.57 -0.68
CA LEU D 146 5.46 -29.14 -0.82
C LEU D 146 5.85 -28.66 -2.22
N LYS D 147 7.08 -28.99 -2.62
CA LYS D 147 7.59 -28.59 -3.90
C LYS D 147 6.69 -29.06 -5.04
N GLN D 148 6.22 -30.30 -4.96
CA GLN D 148 5.37 -30.86 -5.98
C GLN D 148 4.07 -30.06 -6.07
N ASP D 149 3.44 -29.79 -4.92
CA ASP D 149 2.20 -29.03 -4.91
C ASP D 149 2.45 -27.61 -5.45
N TRP D 150 3.53 -27.00 -4.98
CA TRP D 150 3.88 -25.65 -5.41
C TRP D 150 3.97 -25.52 -6.93
N GLU D 151 4.68 -26.46 -7.56
CA GLU D 151 4.84 -26.42 -9.00
C GLU D 151 3.52 -26.69 -9.74
N GLU D 152 2.73 -27.64 -9.24
CA GLU D 152 1.44 -27.92 -9.88
C GLU D 152 0.50 -26.72 -9.78
N LEU D 153 0.56 -26.02 -8.65
CA LEU D 153 -0.28 -24.86 -8.43
C LEU D 153 0.24 -23.66 -9.20
N MET D 154 1.55 -23.46 -9.15
CA MET D 154 2.16 -22.34 -9.85
C MET D 154 1.98 -22.45 -11.37
N ASP D 155 1.86 -23.68 -11.88
CA ASP D 155 1.66 -23.88 -13.30
C ASP D 155 0.31 -23.32 -13.72
N LEU D 156 -0.71 -23.59 -12.92
CA LEU D 156 -2.04 -23.08 -13.20
C LEU D 156 -2.02 -21.56 -13.19
N ILE D 157 -1.29 -20.99 -12.25
CA ILE D 157 -1.17 -19.54 -12.10
C ILE D 157 -0.42 -18.87 -13.26
N VAL D 158 0.75 -19.41 -13.58
CA VAL D 158 1.56 -18.85 -14.64
C VAL D 158 0.97 -18.97 -16.04
N LEU D 159 0.16 -19.99 -16.27
CA LEU D 159 -0.45 -20.20 -17.59
C LEU D 159 -1.80 -19.54 -17.75
N GLY D 160 -2.16 -18.68 -16.80
CA GLY D 160 -3.43 -18.00 -16.86
C GLY D 160 -4.63 -18.91 -16.75
N LYS D 161 -4.56 -19.90 -15.87
CA LYS D 161 -5.66 -20.84 -15.67
C LYS D 161 -6.29 -20.69 -14.30
N LEU D 162 -6.35 -19.46 -13.80
CA LEU D 162 -6.92 -19.20 -12.48
C LEU D 162 -8.35 -19.71 -12.33
N ASP D 163 -9.09 -19.72 -13.44
CA ASP D 163 -10.48 -20.19 -13.43
C ASP D 163 -10.56 -21.64 -12.98
N GLN D 164 -9.54 -22.42 -13.32
CA GLN D 164 -9.50 -23.84 -12.96
C GLN D 164 -9.13 -24.14 -11.51
N ILE D 165 -8.51 -23.19 -10.83
CA ILE D 165 -8.09 -23.39 -9.44
C ILE D 165 -9.18 -23.51 -8.39
N THR D 166 -9.10 -24.56 -7.60
CA THR D 166 -10.03 -24.79 -6.50
C THR D 166 -9.14 -25.25 -5.36
N ALA D 167 -9.66 -25.26 -4.13
CA ALA D 167 -8.87 -25.69 -2.97
C ALA D 167 -8.58 -27.20 -2.99
N ARG D 168 -9.22 -27.91 -3.91
CA ARG D 168 -9.05 -29.36 -3.98
C ARG D 168 -7.75 -29.79 -4.65
N ILE D 169 -7.03 -28.85 -5.24
CA ILE D 169 -5.77 -29.18 -5.89
C ILE D 169 -4.62 -29.15 -4.88
N GLY D 170 -3.71 -30.11 -4.99
CA GLY D 170 -2.58 -30.16 -4.08
C GLY D 170 -2.71 -31.30 -3.09
N GLU D 171 -1.61 -32.00 -2.82
CA GLU D 171 -1.65 -33.11 -1.88
C GLU D 171 -1.57 -32.65 -0.42
N VAL D 172 -0.63 -31.77 -0.11
CA VAL D 172 -0.46 -31.28 1.27
C VAL D 172 -0.61 -29.77 1.43
N MET D 173 -0.58 -29.06 0.30
CA MET D 173 -0.71 -27.60 0.28
C MET D 173 -1.72 -27.23 -0.80
N GLN D 174 -2.53 -26.21 -0.53
CA GLN D 174 -3.58 -25.79 -1.44
C GLN D 174 -3.62 -24.28 -1.59
N LEU D 175 -4.47 -23.82 -2.52
CA LEU D 175 -4.68 -22.40 -2.75
C LEU D 175 -6.13 -22.08 -2.38
N ARG D 176 -6.31 -21.11 -1.50
CA ARG D 176 -7.64 -20.68 -1.12
C ARG D 176 -7.60 -19.17 -1.20
N PRO D 177 -8.75 -18.49 -1.02
CA PRO D 177 -8.74 -17.03 -1.09
C PRO D 177 -7.94 -16.45 0.06
N LYS D 178 -7.47 -15.23 -0.09
CA LYS D 178 -6.73 -14.55 0.95
C LYS D 178 -6.93 -13.05 0.79
N GLY D 179 -7.88 -12.49 1.54
CA GLY D 179 -8.17 -11.08 1.45
C GLY D 179 -9.36 -10.67 2.31
N ALA D 180 -9.85 -9.45 2.09
CA ALA D 180 -10.97 -8.90 2.86
C ALA D 180 -12.26 -9.69 2.66
N ASN D 181 -12.55 -10.02 1.41
CA ASN D 181 -13.74 -10.79 1.09
C ASN D 181 -13.63 -11.24 -0.36
N SER D 182 -14.71 -11.80 -0.92
CA SER D 182 -14.67 -12.29 -2.30
C SER D 182 -14.62 -11.18 -3.33
N ARG D 183 -14.67 -9.93 -2.90
CA ARG D 183 -14.61 -8.82 -3.85
C ARG D 183 -13.20 -8.24 -3.94
N ALA D 184 -12.30 -8.72 -3.08
CA ALA D 184 -10.94 -8.26 -3.09
C ALA D 184 -10.31 -8.57 -4.45
N VAL D 185 -9.32 -7.77 -4.86
CA VAL D 185 -8.67 -8.01 -6.14
C VAL D 185 -7.18 -7.67 -6.12
N THR D 186 -6.45 -8.36 -6.98
CA THR D 186 -5.02 -8.13 -7.14
C THR D 186 -4.78 -8.49 -8.59
N LYS D 187 -3.62 -8.14 -9.13
CA LYS D 187 -3.32 -8.44 -10.52
C LYS D 187 -2.99 -9.91 -10.74
N GLY D 188 -3.49 -10.45 -11.85
CA GLY D 188 -3.24 -11.84 -12.21
C GLY D 188 -3.11 -11.94 -13.72
N ILE D 189 -2.94 -13.16 -14.23
CA ILE D 189 -2.82 -13.38 -15.66
C ILE D 189 -4.07 -14.08 -16.20
N GLY D 190 -4.69 -13.49 -17.21
CA GLY D 190 -5.91 -14.04 -17.78
C GLY D 190 -5.70 -15.09 -18.84
N LYS D 191 -6.81 -15.59 -19.40
CA LYS D 191 -6.78 -16.63 -20.42
C LYS D 191 -5.93 -16.32 -21.65
N ASN D 192 -5.79 -15.04 -21.99
CA ASN D 192 -5.00 -14.69 -23.17
C ASN D 192 -3.60 -14.21 -22.80
N GLY D 193 -3.23 -14.44 -21.54
CA GLY D 193 -1.91 -14.03 -21.09
C GLY D 193 -1.85 -12.57 -20.71
N GLU D 194 -3.01 -11.91 -20.68
CA GLU D 194 -3.08 -10.50 -20.33
C GLU D 194 -3.29 -10.32 -18.84
N ILE D 195 -2.86 -9.19 -18.31
CA ILE D 195 -3.02 -8.89 -16.90
C ILE D 195 -4.47 -8.55 -16.61
N ILE D 196 -5.02 -9.21 -15.59
CA ILE D 196 -6.40 -9.02 -15.19
C ILE D 196 -6.53 -8.77 -13.69
N ASP D 197 -7.75 -8.44 -13.27
CA ASP D 197 -8.05 -8.23 -11.88
C ASP D 197 -8.61 -9.59 -11.44
N THR D 198 -8.12 -10.11 -10.31
CA THR D 198 -8.58 -11.40 -9.85
C THR D 198 -8.48 -11.55 -8.34
N LEU D 199 -9.20 -12.52 -7.80
CA LEU D 199 -9.23 -12.78 -6.36
C LEU D 199 -7.83 -13.14 -5.85
N PRO D 200 -7.36 -12.44 -4.81
CA PRO D 200 -6.03 -12.74 -4.25
C PRO D 200 -6.08 -14.14 -3.65
N LEU D 201 -5.10 -14.98 -3.98
CA LEU D 201 -5.07 -16.34 -3.45
C LEU D 201 -3.90 -16.51 -2.49
N GLY D 202 -4.00 -17.49 -1.61
CA GLY D 202 -2.92 -17.75 -0.67
C GLY D 202 -2.62 -19.23 -0.58
N PHE D 203 -1.36 -19.55 -0.25
CA PHE D 203 -0.94 -20.94 -0.07
C PHE D 203 -1.24 -21.34 1.38
N TYR D 204 -1.94 -22.45 1.55
CA TYR D 204 -2.28 -22.95 2.87
C TYR D 204 -1.85 -24.41 3.00
N LEU D 205 -1.36 -24.78 4.18
CA LEU D 205 -0.98 -26.16 4.47
C LEU D 205 -2.25 -26.84 4.93
N ARG D 206 -2.54 -28.02 4.37
CA ARG D 206 -3.72 -28.76 4.79
C ARG D 206 -3.52 -29.26 6.24
N LYS D 207 -4.64 -29.51 6.90
CA LYS D 207 -4.61 -29.97 8.29
C LYS D 207 -3.92 -31.33 8.43
N GLU D 208 -3.89 -32.13 7.35
CA GLU D 208 -3.23 -33.44 7.40
C GLU D 208 -1.72 -33.28 7.48
N PHE D 209 -1.20 -32.29 6.77
CA PHE D 209 0.23 -32.01 6.76
C PHE D 209 0.75 -31.50 8.12
N THR D 210 0.04 -30.57 8.74
CA THR D 210 0.49 -30.08 10.04
C THR D 210 0.29 -31.16 11.09
N ALA D 211 -0.72 -32.01 10.88
CA ALA D 211 -1.02 -33.10 11.80
C ALA D 211 0.15 -34.08 11.76
N GLN D 212 0.71 -34.27 10.57
CA GLN D 212 1.84 -35.17 10.36
C GLN D 212 3.01 -34.67 11.19
N ILE D 213 3.22 -33.35 11.17
CA ILE D 213 4.30 -32.72 11.93
C ILE D 213 4.11 -32.97 13.43
N LEU D 214 2.87 -32.84 13.89
CA LEU D 214 2.56 -33.05 15.31
C LEU D 214 2.75 -34.53 15.66
N ASN D 215 2.26 -35.41 14.81
CA ASN D 215 2.38 -36.84 15.04
C ASN D 215 3.85 -37.24 15.07
N ALA D 216 4.64 -36.72 14.14
CA ALA D 216 6.05 -37.05 14.08
C ALA D 216 6.78 -36.50 15.29
N PHE D 217 6.26 -35.41 15.84
CA PHE D 217 6.85 -34.78 17.03
C PHE D 217 6.68 -35.69 18.25
N LEU D 218 5.48 -36.28 18.35
CA LEU D 218 5.16 -37.17 19.46
C LEU D 218 5.90 -38.50 19.40
N GLU D 219 5.99 -39.07 18.21
CA GLU D 219 6.65 -40.35 18.03
C GLU D 219 8.13 -40.29 18.39
N THR D 220 8.71 -39.11 18.20
CA THR D 220 10.12 -38.78 18.45
C THR D 220 10.77 -38.60 17.08
N LYS D 221 10.20 -37.72 16.27
CA LYS D 221 10.71 -37.45 14.94
C LYS D 221 10.69 -35.95 14.60
#